data_1CWV
#
_entry.id   1CWV
#
_cell.length_a   61.140
_cell.length_b   50.660
_cell.length_c   97.920
_cell.angle_alpha   90.00
_cell.angle_beta   98.34
_cell.angle_gamma   90.00
#
_symmetry.space_group_name_H-M   'P 1 21 1'
#
loop_
_entity.id
_entity.type
_entity.pdbx_description
1 polymer INVASIN
2 non-polymer 'CITRIC ACID'
3 water water
#
_entity_poly.entity_id   1
_entity_poly.type   'polypeptide(L)'
_entity_poly.pdbx_seq_one_letter_code
;SVTVQQPQLTLTAAVIGDGAPANGKTAITVEFTVADFEGKPLAGQEVVITTNNGALPNKITEKTDANGVARIALTNTTDG
VTVVTAEVEGQRQSVDTHFVKGTIAADKSTLAAVPTSIIADGLMASTITLELKDTYGDPQAGANVAFDTTLGNMGVITDH
NDGTYSAPLTSTTLGVATVTVKVDGAAFSVPSVTVNFTADPIPDAGRSSFTVSTPDILADGTMSSTLSFVPVDKNGHFIS
GMQGLSFTQNGVPVSISPITEQPDSYTATVVGNSVGDVTITPQVDTLILSTLQKKISLFPVPTLTGILVNGQNFATDKGF
PKTIFKNATFQLQMDNDVANNTQYEWSSSFTPNVSVNDQGQVTITYQTYSEVAVTAKSKKFPSYSVSYRFYPNRWIYDGG
RSLVSSLEASRQCQGSDMSAVLESSRATNGTRAPDGTLWGEWGSLTAYSSDWQSGEYWVKKTSTDFETMNMDTGALQPGP
AYLAFPLCALSI
;
_entity_poly.pdbx_strand_id   A
#
# COMPACT_ATOMS: atom_id res chain seq x y z
N LEU A 9 68.17 -57.95 -39.33
CA LEU A 9 68.26 -56.48 -39.00
C LEU A 9 67.63 -56.09 -37.65
N THR A 10 67.81 -54.83 -37.25
CA THR A 10 67.30 -54.36 -35.97
C THR A 10 66.14 -53.35 -36.01
N LEU A 11 65.37 -53.34 -34.93
CA LEU A 11 64.22 -52.46 -34.80
C LEU A 11 64.16 -51.84 -33.40
N THR A 12 64.57 -50.58 -33.31
CA THR A 12 64.60 -49.86 -32.04
C THR A 12 63.55 -48.77 -31.95
N ALA A 13 62.94 -48.62 -30.78
CA ALA A 13 61.90 -47.61 -30.61
C ALA A 13 62.22 -46.49 -29.62
N ALA A 14 61.64 -45.32 -29.91
CA ALA A 14 61.81 -44.13 -29.09
C ALA A 14 60.41 -43.54 -28.89
N VAL A 15 60.04 -43.30 -27.62
CA VAL A 15 58.73 -42.74 -27.29
C VAL A 15 58.86 -41.25 -26.98
N ILE A 16 58.08 -40.44 -27.68
CA ILE A 16 58.10 -38.99 -27.52
C ILE A 16 56.77 -38.38 -27.07
N GLY A 17 56.79 -37.66 -25.96
CA GLY A 17 55.57 -37.03 -25.46
C GLY A 17 54.66 -37.94 -24.68
N ASP A 18 55.22 -38.94 -23.99
CA ASP A 18 54.42 -39.87 -23.18
C ASP A 18 53.68 -39.17 -22.04
N GLY A 19 52.59 -39.80 -21.60
CA GLY A 19 51.80 -39.22 -20.52
C GLY A 19 50.83 -38.15 -20.97
N ALA A 20 50.36 -38.24 -22.22
CA ALA A 20 49.40 -37.28 -22.75
C ALA A 20 48.03 -37.51 -22.13
N PRO A 21 47.19 -36.46 -22.10
CA PRO A 21 45.86 -36.62 -21.51
C PRO A 21 45.10 -37.63 -22.34
N ALA A 22 44.16 -38.34 -21.71
CA ALA A 22 43.35 -39.31 -22.43
C ALA A 22 42.13 -38.57 -22.98
N ASN A 23 42.38 -37.53 -23.78
CA ASN A 23 41.35 -36.68 -24.38
C ASN A 23 41.06 -36.98 -25.85
N GLY A 24 41.75 -37.97 -26.40
CA GLY A 24 41.55 -38.31 -27.79
C GLY A 24 41.98 -37.22 -28.75
N LYS A 25 42.75 -36.25 -28.27
CA LYS A 25 43.23 -35.14 -29.11
C LYS A 25 44.75 -35.03 -29.07
N THR A 26 45.30 -34.97 -27.86
CA THR A 26 46.75 -34.85 -27.71
C THR A 26 47.40 -36.19 -28.05
N ALA A 27 48.46 -36.14 -28.84
CA ALA A 27 49.11 -37.37 -29.26
C ALA A 27 50.46 -37.66 -28.68
N ILE A 28 50.73 -38.94 -28.54
CA ILE A 28 52.02 -39.43 -28.08
C ILE A 28 52.63 -39.93 -29.38
N THR A 29 53.93 -39.76 -29.54
CA THR A 29 54.59 -40.17 -30.76
C THR A 29 55.58 -41.33 -30.54
N VAL A 30 55.68 -42.23 -31.51
CA VAL A 30 56.65 -43.30 -31.36
C VAL A 30 57.40 -43.41 -32.66
N GLU A 31 58.71 -43.40 -32.54
CA GLU A 31 59.59 -43.49 -33.69
C GLU A 31 60.36 -44.78 -33.68
N PHE A 32 60.14 -45.58 -34.71
CA PHE A 32 60.84 -46.85 -34.86
C PHE A 32 61.93 -46.69 -35.91
N THR A 33 63.15 -47.05 -35.55
CA THR A 33 64.19 -46.94 -36.55
C THR A 33 64.68 -48.33 -36.90
N VAL A 34 64.73 -48.60 -38.20
CA VAL A 34 65.16 -49.89 -38.71
C VAL A 34 66.60 -49.80 -39.22
N ALA A 35 67.48 -50.62 -38.68
CA ALA A 35 68.88 -50.60 -39.09
C ALA A 35 69.40 -52.00 -39.42
N ASP A 36 70.49 -52.04 -40.16
CA ASP A 36 71.08 -53.31 -40.56
C ASP A 36 71.92 -53.92 -39.42
N PHE A 37 72.29 -55.18 -39.60
CA PHE A 37 73.09 -55.91 -38.63
C PHE A 37 74.30 -55.10 -38.15
N GLU A 38 74.75 -54.17 -38.98
CA GLU A 38 75.92 -53.35 -38.66
C GLU A 38 75.61 -52.09 -37.86
N GLY A 39 74.42 -51.55 -38.04
CA GLY A 39 74.05 -50.35 -37.31
C GLY A 39 73.71 -49.15 -38.19
N LYS A 40 73.52 -49.40 -39.48
CA LYS A 40 73.19 -48.34 -40.42
C LYS A 40 71.68 -48.35 -40.65
N PRO A 41 71.09 -47.17 -40.85
CA PRO A 41 69.64 -47.05 -41.08
C PRO A 41 69.25 -47.56 -42.45
N LEU A 42 68.09 -48.21 -42.55
CA LEU A 42 67.60 -48.73 -43.82
C LEU A 42 66.36 -47.95 -44.21
N ALA A 43 66.35 -47.42 -45.43
CA ALA A 43 65.21 -46.64 -45.88
C ALA A 43 64.32 -47.48 -46.76
N GLY A 44 63.13 -46.95 -47.05
CA GLY A 44 62.20 -47.65 -47.90
C GLY A 44 61.75 -48.99 -47.37
N GLN A 45 61.88 -49.19 -46.06
CA GLN A 45 61.48 -50.44 -45.45
C GLN A 45 60.02 -50.40 -45.00
N GLU A 46 59.27 -51.45 -45.32
CA GLU A 46 57.86 -51.50 -44.93
C GLU A 46 57.70 -51.84 -43.44
N VAL A 47 56.96 -51.00 -42.72
CA VAL A 47 56.72 -51.24 -41.30
C VAL A 47 55.23 -51.19 -40.95
N VAL A 48 54.76 -52.19 -40.21
CA VAL A 48 53.38 -52.25 -39.80
C VAL A 48 53.40 -51.90 -38.32
N ILE A 49 52.59 -50.92 -37.92
CA ILE A 49 52.55 -50.49 -36.53
C ILE A 49 51.12 -50.58 -35.99
N THR A 50 50.95 -51.23 -34.85
CA THR A 50 49.62 -51.40 -34.26
C THR A 50 49.53 -50.86 -32.83
N THR A 51 48.34 -50.41 -32.45
CA THR A 51 48.12 -49.92 -31.11
C THR A 51 47.00 -50.74 -30.50
N ASN A 52 46.80 -50.60 -29.19
CA ASN A 52 45.72 -51.31 -28.51
C ASN A 52 45.02 -50.37 -27.52
N ASN A 53 44.22 -50.94 -26.64
CA ASN A 53 43.48 -50.17 -25.63
C ASN A 53 42.57 -49.09 -26.24
N GLY A 54 42.12 -49.34 -27.46
CA GLY A 54 41.22 -48.39 -28.11
C GLY A 54 41.85 -47.15 -28.69
N ALA A 55 43.19 -47.11 -28.74
CA ALA A 55 43.91 -45.97 -29.29
C ALA A 55 43.65 -45.81 -30.78
N LEU A 56 43.73 -44.58 -31.27
CA LEU A 56 43.55 -44.28 -32.70
C LEU A 56 44.84 -43.60 -33.19
N PRO A 57 45.38 -44.03 -34.34
CA PRO A 57 44.84 -45.09 -35.19
C PRO A 57 45.19 -46.44 -34.58
N ASN A 58 44.57 -47.50 -35.10
CA ASN A 58 44.80 -48.87 -34.63
C ASN A 58 45.97 -49.53 -35.34
N LYS A 59 45.99 -49.38 -36.67
CA LYS A 59 47.03 -49.98 -37.47
C LYS A 59 47.43 -49.06 -38.64
N ILE A 60 48.73 -48.91 -38.83
CA ILE A 60 49.23 -48.10 -39.91
C ILE A 60 50.40 -48.86 -40.54
N THR A 61 50.56 -48.72 -41.84
CA THR A 61 51.67 -49.38 -42.52
C THR A 61 52.36 -48.27 -43.27
N GLU A 62 53.68 -48.29 -43.24
CA GLU A 62 54.46 -47.27 -43.91
C GLU A 62 55.92 -47.65 -44.10
N LYS A 63 56.62 -46.84 -44.88
CA LYS A 63 58.01 -47.11 -45.14
C LYS A 63 58.87 -46.16 -44.33
N THR A 64 60.07 -46.63 -43.98
CA THR A 64 61.01 -45.84 -43.20
C THR A 64 61.54 -44.70 -44.08
N ASP A 65 61.84 -43.55 -43.48
CA ASP A 65 62.38 -42.42 -44.23
C ASP A 65 63.89 -42.61 -44.49
N ALA A 66 64.59 -41.54 -44.87
CA ALA A 66 66.03 -41.67 -45.17
C ALA A 66 66.88 -41.99 -43.96
N ASN A 67 66.37 -41.71 -42.78
CA ASN A 67 67.10 -41.98 -41.54
C ASN A 67 66.64 -43.32 -40.98
N GLY A 68 65.94 -44.08 -41.83
CA GLY A 68 65.44 -45.38 -41.41
C GLY A 68 64.42 -45.32 -40.30
N VAL A 69 63.64 -44.23 -40.26
CA VAL A 69 62.62 -44.05 -39.23
C VAL A 69 61.21 -44.12 -39.81
N ALA A 70 60.31 -44.74 -39.04
CA ALA A 70 58.90 -44.89 -39.37
C ALA A 70 58.22 -44.53 -38.07
N ARG A 71 57.37 -43.52 -38.09
CA ARG A 71 56.72 -43.10 -36.88
C ARG A 71 55.19 -43.14 -36.88
N ILE A 72 54.63 -42.95 -35.70
CA ILE A 72 53.19 -42.95 -35.55
C ILE A 72 52.85 -41.94 -34.47
N ALA A 73 51.71 -41.29 -34.66
CA ALA A 73 51.19 -40.33 -33.70
C ALA A 73 49.89 -40.98 -33.28
N LEU A 74 49.69 -41.17 -31.98
CA LEU A 74 48.46 -41.82 -31.54
C LEU A 74 47.78 -41.06 -30.39
N THR A 75 46.46 -41.21 -30.31
CA THR A 75 45.67 -40.57 -29.27
C THR A 75 44.80 -41.64 -28.65
N ASN A 76 44.18 -41.29 -27.53
CA ASN A 76 43.31 -42.21 -26.84
C ASN A 76 42.38 -41.50 -25.86
N THR A 77 41.11 -41.89 -25.89
CA THR A 77 40.12 -41.32 -25.00
C THR A 77 40.05 -42.21 -23.75
N THR A 78 40.83 -43.29 -23.78
CA THR A 78 40.88 -44.23 -22.67
C THR A 78 42.25 -44.14 -21.99
N ASP A 79 42.25 -43.81 -20.70
CA ASP A 79 43.50 -43.68 -19.95
C ASP A 79 44.11 -45.05 -19.69
N GLY A 80 45.34 -45.03 -19.20
CA GLY A 80 46.03 -46.28 -18.92
C GLY A 80 47.14 -46.53 -19.91
N VAL A 81 47.57 -47.79 -19.98
CA VAL A 81 48.67 -48.21 -20.84
C VAL A 81 48.29 -48.61 -22.28
N THR A 82 48.87 -47.92 -23.25
CA THR A 82 48.62 -48.26 -24.65
C THR A 82 49.91 -48.81 -25.21
N VAL A 83 49.83 -50.01 -25.78
CA VAL A 83 51.00 -50.66 -26.34
C VAL A 83 51.10 -50.42 -27.82
N VAL A 84 52.25 -49.93 -28.27
CA VAL A 84 52.42 -49.76 -29.69
C VAL A 84 53.57 -50.67 -30.12
N THR A 85 53.26 -51.49 -31.12
CA THR A 85 54.15 -52.50 -31.65
C THR A 85 54.45 -52.31 -33.12
N ALA A 86 55.70 -52.54 -33.50
CA ALA A 86 56.08 -52.44 -34.90
C ALA A 86 56.57 -53.80 -35.35
N GLU A 87 56.32 -54.10 -36.62
CA GLU A 87 56.76 -55.37 -37.16
C GLU A 87 57.41 -55.12 -38.51
N VAL A 88 58.57 -55.72 -38.72
CA VAL A 88 59.31 -55.59 -39.97
C VAL A 88 60.07 -56.88 -40.24
N GLU A 89 59.79 -57.52 -41.37
CA GLU A 89 60.45 -58.75 -41.77
C GLU A 89 60.73 -59.68 -40.59
N GLY A 90 59.66 -60.14 -39.94
CA GLY A 90 59.84 -61.01 -38.80
C GLY A 90 60.01 -60.22 -37.52
N GLN A 91 61.07 -59.44 -37.42
CA GLN A 91 61.34 -58.63 -36.24
C GLN A 91 60.10 -57.91 -35.70
N ARG A 92 60.02 -57.84 -34.37
CA ARG A 92 58.89 -57.18 -33.73
C ARG A 92 59.37 -56.48 -32.45
N GLN A 93 59.01 -55.21 -32.28
CA GLN A 93 59.39 -54.43 -31.11
C GLN A 93 58.16 -53.72 -30.52
N SER A 94 58.06 -53.70 -29.18
CA SER A 94 56.94 -53.05 -28.50
C SER A 94 57.38 -52.12 -27.40
N VAL A 95 56.53 -51.14 -27.09
CA VAL A 95 56.79 -50.20 -26.00
C VAL A 95 55.45 -49.80 -25.46
N ASP A 96 55.42 -49.49 -24.17
CA ASP A 96 54.22 -49.07 -23.50
C ASP A 96 54.18 -47.54 -23.53
N THR A 97 52.99 -46.98 -23.70
CA THR A 97 52.82 -45.53 -23.64
C THR A 97 51.70 -45.33 -22.64
N HIS A 98 51.67 -44.18 -21.99
CA HIS A 98 50.68 -43.90 -20.98
C HIS A 98 49.82 -42.68 -21.25
N PHE A 99 48.52 -42.87 -21.13
CA PHE A 99 47.56 -41.79 -21.31
C PHE A 99 46.95 -41.51 -19.94
N VAL A 100 47.07 -40.27 -19.47
CA VAL A 100 46.55 -39.92 -18.16
C VAL A 100 45.18 -39.24 -18.13
N LYS A 101 44.30 -39.69 -17.25
CA LYS A 101 42.98 -39.11 -17.10
C LYS A 101 43.12 -37.66 -16.63
N GLY A 102 42.25 -36.80 -17.14
CA GLY A 102 42.30 -35.40 -16.75
C GLY A 102 41.89 -35.18 -15.30
N THR A 103 42.25 -34.02 -14.76
CA THR A 103 41.94 -33.65 -13.37
C THR A 103 40.93 -32.50 -13.38
N ILE A 104 39.70 -32.76 -12.92
CA ILE A 104 38.67 -31.72 -12.95
C ILE A 104 39.08 -30.40 -12.28
N ALA A 105 38.90 -29.31 -13.01
CA ALA A 105 39.24 -27.97 -12.51
C ALA A 105 38.00 -27.09 -12.36
N ALA A 106 37.77 -26.59 -11.15
CA ALA A 106 36.62 -25.74 -10.91
C ALA A 106 36.75 -24.38 -11.59
N ASP A 107 37.98 -23.88 -11.67
CA ASP A 107 38.19 -22.57 -12.28
C ASP A 107 38.07 -22.59 -13.81
N LYS A 108 38.02 -23.78 -14.40
CA LYS A 108 37.89 -23.88 -15.85
C LYS A 108 36.50 -24.42 -16.22
N SER A 109 35.66 -24.65 -15.21
CA SER A 109 34.30 -25.14 -15.41
C SER A 109 33.29 -24.01 -15.29
N THR A 110 32.03 -24.27 -15.69
CA THR A 110 30.96 -23.28 -15.59
C THR A 110 29.65 -23.89 -15.12
N LEU A 111 28.82 -23.03 -14.54
CA LEU A 111 27.51 -23.42 -14.03
C LEU A 111 26.55 -22.28 -14.37
N ALA A 112 25.37 -22.63 -14.83
CA ALA A 112 24.38 -21.63 -15.19
C ALA A 112 22.98 -22.11 -14.93
N ALA A 113 22.07 -21.14 -14.74
CA ALA A 113 20.67 -21.43 -14.50
C ALA A 113 19.86 -20.70 -15.57
N VAL A 114 19.01 -21.41 -16.28
CA VAL A 114 18.20 -20.74 -17.29
C VAL A 114 16.79 -21.32 -17.41
N PRO A 115 15.79 -20.45 -17.23
CA PRO A 115 16.02 -19.03 -16.94
C PRO A 115 16.37 -18.80 -15.46
N THR A 116 16.75 -17.57 -15.12
CA THR A 116 17.11 -17.25 -13.73
C THR A 116 15.92 -16.84 -12.85
N SER A 117 14.74 -16.67 -13.46
CA SER A 117 13.54 -16.29 -12.72
C SER A 117 12.40 -17.25 -13.10
N ILE A 118 11.83 -17.90 -12.10
CA ILE A 118 10.78 -18.88 -12.33
C ILE A 118 9.58 -18.66 -11.43
N ILE A 119 8.40 -19.03 -11.92
CA ILE A 119 7.19 -18.91 -11.13
C ILE A 119 7.15 -20.11 -10.17
N ALA A 120 6.98 -19.83 -8.88
CA ALA A 120 6.93 -20.88 -7.85
C ALA A 120 5.70 -21.73 -8.09
N ASP A 121 5.67 -22.29 -9.29
CA ASP A 121 4.62 -23.12 -9.85
C ASP A 121 4.63 -24.56 -9.30
N GLY A 122 5.84 -25.06 -9.05
CA GLY A 122 5.98 -26.43 -8.61
C GLY A 122 6.10 -27.23 -9.90
N LEU A 123 6.00 -26.51 -11.02
CA LEU A 123 6.09 -27.10 -12.36
C LEU A 123 7.12 -26.36 -13.24
N MET A 124 6.99 -25.04 -13.36
CA MET A 124 7.93 -24.28 -14.19
C MET A 124 9.33 -24.56 -13.67
N ALA A 125 10.26 -24.83 -14.57
CA ALA A 125 11.61 -25.15 -14.13
C ALA A 125 12.76 -24.42 -14.80
N SER A 126 13.81 -24.21 -13.99
CA SER A 126 15.02 -23.59 -14.45
C SER A 126 15.94 -24.76 -14.75
N THR A 127 16.65 -24.70 -15.86
CA THR A 127 17.54 -25.80 -16.18
C THR A 127 18.95 -25.42 -15.78
N ILE A 128 19.47 -26.13 -14.78
CA ILE A 128 20.81 -25.90 -14.29
C ILE A 128 21.81 -26.70 -15.12
N THR A 129 22.76 -26.01 -15.73
CA THR A 129 23.75 -26.67 -16.56
C THR A 129 25.17 -26.45 -16.09
N LEU A 130 25.90 -27.54 -15.91
CA LEU A 130 27.30 -27.47 -15.52
C LEU A 130 28.15 -27.94 -16.68
N GLU A 131 29.19 -27.17 -16.97
CA GLU A 131 30.12 -27.52 -18.03
C GLU A 131 31.35 -28.01 -17.30
N LEU A 132 31.49 -29.32 -17.18
CA LEU A 132 32.61 -29.92 -16.47
C LEU A 132 33.89 -30.03 -17.30
N LYS A 133 34.88 -29.22 -16.95
CA LYS A 133 36.15 -29.22 -17.67
C LYS A 133 37.31 -29.58 -16.74
N ASP A 134 38.40 -30.08 -17.30
CA ASP A 134 39.56 -30.44 -16.47
C ASP A 134 40.65 -29.38 -16.55
N THR A 135 41.81 -29.72 -16.00
CA THR A 135 42.97 -28.85 -15.97
C THR A 135 43.45 -28.40 -17.35
N TYR A 136 43.40 -29.30 -18.32
CA TYR A 136 43.83 -28.98 -19.68
C TYR A 136 42.74 -28.22 -20.40
N GLY A 137 41.55 -28.19 -19.81
CA GLY A 137 40.45 -27.50 -20.43
C GLY A 137 39.59 -28.42 -21.27
N ASP A 138 39.73 -29.72 -21.07
CA ASP A 138 38.97 -30.70 -21.83
C ASP A 138 37.70 -31.11 -21.08
N PRO A 139 36.65 -31.51 -21.82
CA PRO A 139 35.39 -31.93 -21.21
C PRO A 139 35.53 -33.29 -20.54
N GLN A 140 34.85 -33.48 -19.43
CA GLN A 140 34.90 -34.75 -18.72
C GLN A 140 33.47 -35.30 -18.59
N ALA A 141 33.23 -36.43 -19.23
CA ALA A 141 31.90 -37.04 -19.17
C ALA A 141 31.93 -38.19 -18.17
N GLY A 142 30.77 -38.82 -17.98
CA GLY A 142 30.66 -39.93 -17.07
C GLY A 142 31.04 -39.68 -15.62
N ALA A 143 31.20 -38.42 -15.24
CA ALA A 143 31.55 -38.11 -13.86
C ALA A 143 30.32 -38.22 -12.97
N ASN A 144 30.54 -38.48 -11.70
CA ASN A 144 29.44 -38.61 -10.76
C ASN A 144 29.16 -37.19 -10.19
N VAL A 145 28.19 -36.52 -10.79
CA VAL A 145 27.81 -35.15 -10.42
C VAL A 145 26.46 -35.03 -9.72
N ALA A 146 26.38 -34.08 -8.80
CA ALA A 146 25.15 -33.80 -8.06
C ALA A 146 25.01 -32.30 -7.87
N PHE A 147 23.79 -31.80 -7.98
CA PHE A 147 23.51 -30.38 -7.79
C PHE A 147 22.80 -30.21 -6.46
N ASP A 148 23.09 -29.11 -5.79
CA ASP A 148 22.49 -28.82 -4.49
C ASP A 148 21.86 -27.45 -4.48
N THR A 149 20.63 -27.37 -3.98
CA THR A 149 19.92 -26.11 -3.91
C THR A 149 19.47 -25.77 -2.50
N THR A 150 19.58 -24.49 -2.14
CA THR A 150 19.16 -24.08 -0.80
C THR A 150 17.64 -24.11 -0.73
N LEU A 151 17.00 -24.09 -1.90
CA LEU A 151 15.53 -24.09 -1.95
C LEU A 151 14.99 -24.81 -3.19
N GLY A 152 13.85 -25.47 -3.04
CA GLY A 152 13.24 -26.14 -4.18
C GLY A 152 13.47 -27.62 -4.29
N ASN A 153 13.15 -28.17 -5.46
CA ASN A 153 13.30 -29.58 -5.73
C ASN A 153 14.20 -29.81 -6.94
N MET A 154 15.42 -30.27 -6.71
CA MET A 154 16.33 -30.53 -7.81
C MET A 154 15.87 -31.80 -8.51
N GLY A 155 15.84 -31.75 -9.84
CA GLY A 155 15.42 -32.90 -10.62
C GLY A 155 16.58 -33.89 -10.76
N VAL A 156 16.49 -34.78 -11.75
CA VAL A 156 17.53 -35.79 -11.96
C VAL A 156 18.63 -35.29 -12.88
N ILE A 157 19.87 -35.60 -12.51
CA ILE A 157 21.05 -35.19 -13.28
C ILE A 157 21.27 -36.06 -14.52
N THR A 158 21.25 -35.43 -15.68
CA THR A 158 21.47 -36.16 -16.91
C THR A 158 22.82 -35.82 -17.54
N ASP A 159 23.67 -36.85 -17.62
CA ASP A 159 24.99 -36.72 -18.21
C ASP A 159 24.86 -36.78 -19.74
N HIS A 160 25.10 -35.64 -20.38
CA HIS A 160 25.01 -35.54 -21.84
C HIS A 160 26.24 -36.08 -22.56
N ASN A 161 27.02 -36.89 -21.87
CA ASN A 161 28.22 -37.50 -22.44
C ASN A 161 29.07 -36.62 -23.35
N ASP A 162 29.01 -35.31 -23.12
CA ASP A 162 29.79 -34.38 -23.94
C ASP A 162 30.56 -33.46 -23.03
N GLY A 163 30.34 -33.62 -21.72
CA GLY A 163 31.00 -32.79 -20.74
C GLY A 163 30.04 -31.89 -20.00
N THR A 164 28.78 -31.90 -20.39
CA THR A 164 27.81 -31.06 -19.72
C THR A 164 26.79 -31.92 -19.01
N TYR A 165 26.30 -31.42 -17.86
CA TYR A 165 25.32 -32.12 -17.05
C TYR A 165 24.17 -31.17 -16.75
N SER A 166 22.95 -31.70 -16.74
CA SER A 166 21.77 -30.88 -16.51
C SER A 166 20.71 -31.50 -15.61
N ALA A 167 19.91 -30.61 -15.00
CA ALA A 167 18.81 -31.01 -14.13
C ALA A 167 17.81 -29.86 -14.00
N PRO A 168 16.51 -30.19 -13.99
CA PRO A 168 15.47 -29.17 -13.88
C PRO A 168 15.24 -28.84 -12.40
N LEU A 169 15.02 -27.57 -12.10
CA LEU A 169 14.80 -27.14 -10.72
C LEU A 169 13.49 -26.37 -10.63
N THR A 170 12.59 -26.83 -9.77
CA THR A 170 11.30 -26.16 -9.57
C THR A 170 11.10 -25.82 -8.10
N SER A 171 9.96 -25.21 -7.80
CA SER A 171 9.63 -24.82 -6.43
C SER A 171 8.18 -24.39 -6.29
N THR A 172 7.57 -24.72 -5.16
CA THR A 172 6.20 -24.36 -4.87
C THR A 172 6.22 -23.24 -3.84
N THR A 173 7.43 -22.92 -3.37
CA THR A 173 7.66 -21.89 -2.37
C THR A 173 8.33 -20.69 -3.01
N LEU A 174 8.11 -19.51 -2.43
CA LEU A 174 8.73 -18.29 -2.94
C LEU A 174 10.12 -18.14 -2.35
N GLY A 175 11.02 -17.48 -3.07
CA GLY A 175 12.35 -17.28 -2.54
C GLY A 175 13.46 -17.40 -3.56
N VAL A 176 14.69 -17.25 -3.08
CA VAL A 176 15.86 -17.34 -3.93
C VAL A 176 16.62 -18.63 -3.65
N ALA A 177 16.95 -19.35 -4.71
CA ALA A 177 17.69 -20.58 -4.54
C ALA A 177 19.14 -20.43 -5.02
N THR A 178 20.05 -21.06 -4.28
CA THR A 178 21.46 -21.05 -4.63
C THR A 178 21.84 -22.49 -4.93
N VAL A 179 22.28 -22.71 -6.16
CA VAL A 179 22.68 -24.03 -6.62
C VAL A 179 24.19 -24.15 -6.63
N THR A 180 24.66 -25.27 -6.11
CA THR A 180 26.09 -25.55 -6.03
C THR A 180 26.33 -26.98 -6.54
N VAL A 181 27.59 -27.31 -6.78
CA VAL A 181 27.88 -28.63 -7.30
C VAL A 181 28.70 -29.52 -6.38
N LYS A 182 28.62 -30.82 -6.64
CA LYS A 182 29.34 -31.83 -5.90
C LYS A 182 29.71 -32.95 -6.86
N VAL A 183 30.99 -33.30 -6.90
CA VAL A 183 31.48 -34.35 -7.78
C VAL A 183 32.11 -35.44 -6.92
N ASP A 184 31.60 -36.66 -7.06
CA ASP A 184 32.09 -37.78 -6.28
C ASP A 184 31.85 -37.46 -4.79
N GLY A 185 30.63 -36.97 -4.50
CA GLY A 185 30.26 -36.64 -3.15
C GLY A 185 30.92 -35.42 -2.54
N ALA A 186 31.98 -34.90 -3.18
CA ALA A 186 32.68 -33.73 -2.65
C ALA A 186 32.31 -32.42 -3.36
N ALA A 187 32.39 -31.32 -2.61
CA ALA A 187 32.09 -30.01 -3.15
C ALA A 187 33.05 -29.61 -4.26
N PHE A 188 32.47 -29.14 -5.36
CA PHE A 188 33.22 -28.68 -6.53
C PHE A 188 32.99 -27.17 -6.63
N SER A 189 34.04 -26.40 -6.34
CA SER A 189 33.96 -24.95 -6.29
C SER A 189 33.62 -24.07 -7.49
N VAL A 190 32.86 -24.58 -8.45
CA VAL A 190 32.49 -23.72 -9.56
C VAL A 190 31.52 -22.69 -8.93
N PRO A 191 31.63 -21.40 -9.32
CA PRO A 191 30.74 -20.35 -8.75
C PRO A 191 29.24 -20.69 -8.77
N SER A 192 28.59 -20.58 -7.62
CA SER A 192 27.18 -20.89 -7.49
C SER A 192 26.31 -19.99 -8.36
N VAL A 193 25.08 -20.42 -8.61
CA VAL A 193 24.13 -19.64 -9.40
C VAL A 193 22.84 -19.50 -8.63
N THR A 194 22.06 -18.47 -8.95
CA THR A 194 20.80 -18.24 -8.24
C THR A 194 19.59 -18.34 -9.14
N VAL A 195 18.44 -18.60 -8.52
CA VAL A 195 17.19 -18.70 -9.25
C VAL A 195 16.06 -18.15 -8.39
N ASN A 196 15.49 -17.02 -8.82
CA ASN A 196 14.40 -16.41 -8.08
C ASN A 196 13.08 -17.10 -8.36
N PHE A 197 12.49 -17.66 -7.31
CA PHE A 197 11.21 -18.32 -7.44
C PHE A 197 10.14 -17.30 -7.03
N THR A 198 9.41 -16.81 -8.03
CA THR A 198 8.40 -15.78 -7.83
C THR A 198 6.98 -16.26 -7.97
N ALA A 199 6.04 -15.33 -7.75
CA ALA A 199 4.62 -15.63 -7.89
C ALA A 199 4.20 -15.35 -9.33
N ASP A 200 3.12 -16.00 -9.74
CA ASP A 200 2.57 -15.75 -11.06
C ASP A 200 2.17 -14.27 -10.96
N PRO A 201 2.49 -13.44 -11.97
CA PRO A 201 2.14 -12.02 -11.94
C PRO A 201 0.65 -11.77 -12.15
N ILE A 202 -0.08 -12.82 -12.53
CA ILE A 202 -1.50 -12.70 -12.77
C ILE A 202 -2.30 -13.04 -11.52
N PRO A 203 -3.12 -12.09 -11.03
CA PRO A 203 -3.93 -12.29 -9.84
C PRO A 203 -5.10 -13.25 -10.07
N ASP A 204 -5.45 -14.00 -9.04
CA ASP A 204 -6.58 -14.92 -9.13
C ASP A 204 -7.73 -14.25 -8.38
N ALA A 205 -8.77 -13.86 -9.13
CA ALA A 205 -9.92 -13.20 -8.53
C ALA A 205 -10.40 -13.86 -7.24
N GLY A 206 -10.31 -15.18 -7.18
CA GLY A 206 -10.77 -15.92 -6.02
C GLY A 206 -9.94 -15.80 -4.75
N ARG A 207 -8.62 -15.83 -4.90
CA ARG A 207 -7.73 -15.75 -3.74
C ARG A 207 -7.39 -14.32 -3.38
N SER A 208 -7.41 -13.43 -4.36
CA SER A 208 -7.09 -12.03 -4.08
C SER A 208 -8.26 -11.37 -3.36
N SER A 209 -7.96 -10.28 -2.67
CA SER A 209 -8.99 -9.55 -1.95
C SER A 209 -8.80 -8.03 -2.09
N PHE A 210 -9.88 -7.29 -1.86
CA PHE A 210 -9.86 -5.83 -1.94
C PHE A 210 -10.67 -5.30 -0.78
N THR A 211 -10.07 -4.42 0.01
CA THR A 211 -10.75 -3.90 1.18
C THR A 211 -10.73 -2.38 1.36
N VAL A 212 -11.80 -1.83 1.91
CA VAL A 212 -11.87 -0.40 2.20
C VAL A 212 -11.96 -0.28 3.71
N SER A 213 -11.20 0.64 4.30
CA SER A 213 -11.21 0.83 5.74
C SER A 213 -12.60 1.25 6.25
N THR A 214 -13.25 2.15 5.50
CA THR A 214 -14.58 2.61 5.87
C THR A 214 -15.43 2.89 4.63
N PRO A 215 -16.67 2.40 4.62
CA PRO A 215 -17.63 2.54 3.52
C PRO A 215 -18.28 3.93 3.36
N ASP A 216 -18.46 4.65 4.45
CA ASP A 216 -19.08 5.97 4.39
C ASP A 216 -18.16 7.08 4.85
N ILE A 217 -17.99 8.10 4.03
CA ILE A 217 -17.15 9.21 4.44
C ILE A 217 -17.84 10.51 4.08
N LEU A 218 -17.40 11.58 4.74
CA LEU A 218 -17.94 12.91 4.51
C LEU A 218 -17.39 13.45 3.20
N ALA A 219 -18.22 14.18 2.48
CA ALA A 219 -17.81 14.75 1.20
C ALA A 219 -17.10 16.09 1.41
N ASP A 220 -16.16 16.13 2.35
CA ASP A 220 -15.43 17.35 2.66
C ASP A 220 -14.07 17.43 1.95
N GLY A 221 -13.69 16.36 1.26
CA GLY A 221 -12.41 16.34 0.56
C GLY A 221 -11.27 16.11 1.55
N THR A 222 -11.62 15.70 2.77
CA THR A 222 -10.63 15.47 3.81
C THR A 222 -10.75 14.10 4.47
N MET A 223 -11.95 13.72 4.89
CA MET A 223 -12.12 12.40 5.49
C MET A 223 -11.84 11.40 4.36
N SER A 224 -11.02 10.41 4.65
CA SER A 224 -10.66 9.43 3.64
C SER A 224 -10.93 8.01 4.06
N SER A 225 -10.96 7.12 3.07
CA SER A 225 -11.12 5.70 3.32
C SER A 225 -9.88 5.09 2.70
N THR A 226 -9.29 4.13 3.39
CA THR A 226 -8.08 3.49 2.88
C THR A 226 -8.44 2.26 2.06
N LEU A 227 -7.82 2.15 0.88
CA LEU A 227 -8.03 1.01 -0.01
C LEU A 227 -6.87 0.07 0.22
N SER A 228 -7.17 -1.21 0.39
CA SER A 228 -6.15 -2.22 0.59
C SER A 228 -6.35 -3.39 -0.38
N PHE A 229 -5.46 -3.49 -1.35
CA PHE A 229 -5.52 -4.55 -2.36
C PHE A 229 -4.49 -5.63 -2.08
N VAL A 230 -4.95 -6.87 -1.96
CA VAL A 230 -4.06 -8.00 -1.71
C VAL A 230 -4.18 -9.01 -2.86
N PRO A 231 -3.30 -8.91 -3.88
CA PRO A 231 -3.32 -9.81 -5.02
C PRO A 231 -2.58 -11.12 -4.75
N VAL A 232 -3.31 -12.23 -4.90
CA VAL A 232 -2.75 -13.56 -4.68
C VAL A 232 -2.88 -14.31 -6.01
N ASP A 233 -1.88 -15.11 -6.37
CA ASP A 233 -1.96 -15.86 -7.62
C ASP A 233 -2.72 -17.17 -7.44
N LYS A 234 -2.82 -17.96 -8.50
CA LYS A 234 -3.55 -19.22 -8.45
C LYS A 234 -2.87 -20.25 -7.55
N ASN A 235 -1.66 -19.94 -7.11
CA ASN A 235 -0.93 -20.88 -6.27
C ASN A 235 -1.02 -20.50 -4.80
N GLY A 236 -1.63 -19.35 -4.54
CA GLY A 236 -1.78 -18.87 -3.17
C GLY A 236 -0.65 -17.94 -2.80
N HIS A 237 0.13 -17.53 -3.79
CA HIS A 237 1.27 -16.63 -3.57
C HIS A 237 0.85 -15.17 -3.63
N PHE A 238 1.36 -14.37 -2.70
CA PHE A 238 1.09 -12.95 -2.72
C PHE A 238 1.94 -12.41 -3.87
N ILE A 239 1.39 -11.50 -4.67
CA ILE A 239 2.15 -10.97 -5.80
C ILE A 239 2.80 -9.62 -5.52
N SER A 240 4.13 -9.62 -5.56
CA SER A 240 4.91 -8.42 -5.31
C SER A 240 5.38 -7.73 -6.57
N GLY A 241 5.97 -6.55 -6.39
CA GLY A 241 6.48 -5.74 -7.48
C GLY A 241 5.51 -5.61 -8.64
N MET A 242 4.24 -5.43 -8.32
CA MET A 242 3.22 -5.30 -9.35
C MET A 242 3.31 -4.01 -10.15
N GLN A 243 3.28 -4.15 -11.47
CA GLN A 243 3.34 -3.02 -12.39
C GLN A 243 1.96 -2.94 -13.07
N GLY A 244 1.57 -1.76 -13.50
CA GLY A 244 0.28 -1.64 -14.17
C GLY A 244 -0.92 -1.94 -13.28
N LEU A 245 -0.84 -1.53 -12.02
CA LEU A 245 -1.93 -1.71 -11.10
C LEU A 245 -2.64 -0.37 -10.90
N SER A 246 -3.96 -0.39 -10.96
CA SER A 246 -4.72 0.85 -10.76
C SER A 246 -6.05 0.56 -10.12
N PHE A 247 -6.70 1.64 -9.67
CA PHE A 247 -8.02 1.52 -9.05
C PHE A 247 -9.00 2.33 -9.88
N THR A 248 -9.88 1.63 -10.59
CA THR A 248 -10.87 2.32 -11.38
C THR A 248 -11.99 2.78 -10.47
N GLN A 249 -12.71 3.80 -10.91
CA GLN A 249 -13.80 4.34 -10.13
C GLN A 249 -14.99 4.57 -11.01
N ASN A 250 -16.15 4.14 -10.52
CA ASN A 250 -17.40 4.30 -11.23
C ASN A 250 -18.41 4.96 -10.31
N GLY A 251 -18.80 6.17 -10.64
CA GLY A 251 -19.78 6.86 -9.83
C GLY A 251 -19.46 8.34 -9.75
N VAL A 252 -19.68 8.91 -8.58
CA VAL A 252 -19.39 10.32 -8.39
C VAL A 252 -17.87 10.49 -8.47
N PRO A 253 -17.40 11.62 -9.00
CA PRO A 253 -15.93 11.83 -9.09
C PRO A 253 -15.26 11.79 -7.73
N VAL A 254 -14.13 11.10 -7.66
CA VAL A 254 -13.42 10.96 -6.40
C VAL A 254 -11.90 11.05 -6.60
N SER A 255 -11.17 11.38 -5.54
CA SER A 255 -9.72 11.50 -5.64
C SER A 255 -8.98 10.32 -5.01
N ILE A 256 -8.27 9.57 -5.83
CA ILE A 256 -7.52 8.43 -5.32
C ILE A 256 -6.03 8.76 -5.31
N SER A 257 -5.43 8.66 -4.14
CA SER A 257 -4.03 8.94 -3.96
C SER A 257 -3.21 7.95 -4.76
N PRO A 258 -1.91 8.23 -4.94
CA PRO A 258 -1.10 7.28 -5.69
C PRO A 258 -1.08 6.00 -4.84
N ILE A 259 -0.87 4.87 -5.48
CA ILE A 259 -0.87 3.60 -4.77
C ILE A 259 0.52 3.27 -4.22
N THR A 260 0.56 2.66 -3.04
CA THR A 260 1.82 2.30 -2.41
C THR A 260 1.93 0.78 -2.19
N GLU A 261 3.01 0.17 -2.68
CA GLU A 261 3.19 -1.26 -2.51
C GLU A 261 3.68 -1.53 -1.10
N GLN A 262 3.13 -2.56 -0.47
CA GLN A 262 3.53 -2.94 0.89
C GLN A 262 4.12 -4.33 0.79
N PRO A 263 4.55 -4.91 1.92
CA PRO A 263 5.11 -6.24 1.77
C PRO A 263 4.01 -7.31 1.62
N ASP A 264 2.79 -6.96 2.00
CA ASP A 264 1.67 -7.88 1.96
C ASP A 264 0.37 -7.31 1.38
N SER A 265 0.44 -6.11 0.80
CA SER A 265 -0.74 -5.49 0.21
C SER A 265 -0.35 -4.25 -0.57
N TYR A 266 -1.33 -3.64 -1.23
CA TYR A 266 -1.09 -2.43 -1.99
C TYR A 266 -2.17 -1.49 -1.51
N THR A 267 -1.76 -0.35 -0.94
CA THR A 267 -2.73 0.60 -0.41
C THR A 267 -2.84 1.94 -1.12
N ALA A 268 -3.87 2.70 -0.76
CA ALA A 268 -4.13 4.03 -1.31
C ALA A 268 -5.30 4.63 -0.53
N THR A 269 -5.48 5.94 -0.62
CA THR A 269 -6.57 6.58 0.09
C THR A 269 -7.47 7.30 -0.89
N VAL A 270 -8.69 7.58 -0.46
CA VAL A 270 -9.66 8.26 -1.30
C VAL A 270 -10.47 9.29 -0.51
N VAL A 271 -10.67 10.45 -1.11
CA VAL A 271 -11.46 11.51 -0.52
C VAL A 271 -12.32 12.00 -1.68
N GLY A 272 -13.29 12.88 -1.41
CA GLY A 272 -14.14 13.38 -2.47
C GLY A 272 -14.90 14.61 -2.05
N ASN A 273 -15.28 15.45 -3.02
CA ASN A 273 -16.01 16.66 -2.71
C ASN A 273 -17.42 16.68 -3.26
N SER A 274 -17.89 15.52 -3.73
CA SER A 274 -19.24 15.42 -4.27
C SER A 274 -20.00 14.26 -3.64
N VAL A 275 -21.21 14.58 -3.18
CA VAL A 275 -22.08 13.62 -2.54
C VAL A 275 -22.54 12.51 -3.51
N GLY A 276 -22.51 11.27 -3.05
CA GLY A 276 -22.92 10.18 -3.91
C GLY A 276 -22.14 8.89 -3.69
N ASP A 277 -22.38 7.92 -4.57
CA ASP A 277 -21.72 6.63 -4.49
C ASP A 277 -20.60 6.48 -5.49
N VAL A 278 -19.73 5.52 -5.22
CA VAL A 278 -18.64 5.20 -6.11
C VAL A 278 -18.15 3.79 -5.83
N THR A 279 -17.95 3.03 -6.88
CA THR A 279 -17.44 1.69 -6.72
C THR A 279 -16.02 1.72 -7.26
N ILE A 280 -15.09 1.26 -6.43
CA ILE A 280 -13.69 1.21 -6.77
C ILE A 280 -13.34 -0.24 -7.01
N THR A 281 -12.65 -0.52 -8.11
CA THR A 281 -12.27 -1.89 -8.38
C THR A 281 -10.82 -1.98 -8.86
N PRO A 282 -10.07 -2.97 -8.34
CA PRO A 282 -8.67 -3.13 -8.73
C PRO A 282 -8.51 -3.62 -10.15
N GLN A 283 -7.54 -3.05 -10.85
CA GLN A 283 -7.26 -3.46 -12.21
C GLN A 283 -5.75 -3.64 -12.40
N VAL A 284 -5.35 -4.83 -12.83
CA VAL A 284 -3.94 -5.10 -13.08
C VAL A 284 -3.76 -5.27 -14.56
N ASP A 285 -3.54 -4.15 -15.23
CA ASP A 285 -3.34 -4.07 -16.67
C ASP A 285 -3.99 -5.21 -17.46
N THR A 286 -5.11 -4.91 -18.11
CA THR A 286 -5.87 -5.87 -18.92
C THR A 286 -6.92 -6.58 -18.10
N LEU A 287 -6.59 -6.81 -16.84
CA LEU A 287 -7.48 -7.52 -15.94
C LEU A 287 -8.17 -6.61 -14.93
N ILE A 288 -9.49 -6.64 -14.95
CA ILE A 288 -10.27 -5.83 -14.01
C ILE A 288 -11.04 -6.77 -13.11
N LEU A 289 -10.58 -6.90 -11.88
CA LEU A 289 -11.20 -7.79 -10.90
C LEU A 289 -12.53 -7.29 -10.34
N SER A 290 -13.52 -7.16 -11.22
CA SER A 290 -14.86 -6.66 -10.88
C SER A 290 -15.52 -7.34 -9.69
N THR A 291 -15.25 -8.63 -9.50
CA THR A 291 -15.85 -9.32 -8.37
C THR A 291 -15.29 -8.84 -7.03
N LEU A 292 -14.32 -7.93 -7.09
CA LEU A 292 -13.70 -7.39 -5.88
C LEU A 292 -14.15 -5.96 -5.62
N GLN A 293 -14.83 -5.36 -6.58
CA GLN A 293 -15.28 -3.98 -6.46
C GLN A 293 -15.92 -3.69 -5.11
N LYS A 294 -15.59 -2.52 -4.55
CA LYS A 294 -16.14 -2.11 -3.27
C LYS A 294 -16.75 -0.72 -3.41
N LYS A 295 -17.81 -0.48 -2.66
CA LYS A 295 -18.48 0.80 -2.69
C LYS A 295 -18.08 1.74 -1.56
N ILE A 296 -18.08 3.04 -1.85
CA ILE A 296 -17.79 4.06 -0.86
C ILE A 296 -18.88 5.08 -1.08
N SER A 297 -19.50 5.54 0.00
CA SER A 297 -20.57 6.53 -0.05
C SER A 297 -20.12 7.81 0.60
N LEU A 298 -20.23 8.90 -0.15
CA LEU A 298 -19.84 10.22 0.34
C LEU A 298 -21.09 10.99 0.76
N PHE A 299 -21.16 11.32 2.04
CA PHE A 299 -22.33 12.01 2.55
C PHE A 299 -22.18 13.52 2.62
N PRO A 300 -23.33 14.22 2.73
CA PRO A 300 -23.27 15.69 2.81
C PRO A 300 -22.74 16.11 4.17
N VAL A 301 -21.96 17.17 4.20
CA VAL A 301 -21.38 17.68 5.45
C VAL A 301 -22.45 18.32 6.33
N PRO A 302 -22.54 17.89 7.61
CA PRO A 302 -23.55 18.47 8.51
C PRO A 302 -23.45 19.99 8.48
N THR A 303 -24.59 20.67 8.48
CA THR A 303 -24.55 22.11 8.42
C THR A 303 -25.73 22.78 9.11
N LEU A 304 -25.43 23.85 9.83
CA LEU A 304 -26.41 24.64 10.56
C LEU A 304 -27.09 25.57 9.55
N THR A 305 -28.33 25.28 9.20
CA THR A 305 -29.04 26.07 8.20
C THR A 305 -29.95 27.19 8.71
N GLY A 306 -30.13 27.32 10.02
CA GLY A 306 -30.98 28.38 10.49
C GLY A 306 -31.45 28.31 11.93
N ILE A 307 -32.02 29.41 12.41
CA ILE A 307 -32.51 29.49 13.76
C ILE A 307 -33.99 29.79 13.81
N LEU A 308 -34.79 28.86 14.33
CA LEU A 308 -36.23 29.07 14.41
C LEU A 308 -36.58 29.68 15.77
N VAL A 309 -37.10 30.90 15.74
CA VAL A 309 -37.48 31.62 16.95
C VAL A 309 -38.90 32.19 16.85
N ASN A 310 -39.80 31.65 17.67
CA ASN A 310 -41.17 32.10 17.71
C ASN A 310 -41.70 32.52 16.33
N GLY A 311 -41.74 31.57 15.41
CA GLY A 311 -42.26 31.86 14.09
C GLY A 311 -41.26 32.38 13.09
N GLN A 312 -40.13 32.90 13.52
CA GLN A 312 -39.17 33.37 12.54
C GLN A 312 -38.06 32.35 12.28
N ASN A 313 -37.21 32.68 11.32
CA ASN A 313 -36.08 31.82 10.95
C ASN A 313 -34.96 32.77 10.61
N PHE A 314 -34.08 33.01 11.58
CA PHE A 314 -32.96 33.91 11.36
C PHE A 314 -31.73 33.21 10.82
N ALA A 315 -30.85 34.00 10.22
CA ALA A 315 -29.61 33.49 9.67
C ALA A 315 -28.66 33.29 10.88
N THR A 316 -27.66 32.42 10.72
CA THR A 316 -26.74 32.09 11.79
C THR A 316 -25.55 33.04 11.99
N ASP A 317 -25.32 33.95 11.06
CA ASP A 317 -24.19 34.88 11.18
C ASP A 317 -24.57 36.28 11.63
N LYS A 318 -25.61 36.38 12.46
CA LYS A 318 -26.06 37.69 12.92
C LYS A 318 -25.78 38.01 14.38
N GLY A 319 -25.36 37.01 15.15
CA GLY A 319 -25.04 37.26 16.55
C GLY A 319 -26.18 37.00 17.50
N PHE A 320 -27.29 36.51 16.97
CA PHE A 320 -28.45 36.20 17.80
C PHE A 320 -28.07 35.19 18.87
N PRO A 321 -28.57 35.38 20.11
CA PRO A 321 -29.42 36.46 20.57
C PRO A 321 -28.59 37.39 21.46
N LYS A 322 -28.89 38.69 21.43
CA LYS A 322 -28.15 39.64 22.26
C LYS A 322 -28.85 39.74 23.60
N THR A 323 -30.13 39.41 23.61
CA THR A 323 -30.93 39.46 24.82
C THR A 323 -31.40 38.06 25.15
N ILE A 324 -31.64 37.81 26.43
CA ILE A 324 -32.16 36.51 26.88
C ILE A 324 -33.02 36.79 28.11
N PHE A 325 -33.77 35.78 28.55
CA PHE A 325 -34.63 35.91 29.72
C PHE A 325 -35.08 34.50 30.06
N LYS A 326 -35.53 34.28 31.28
CA LYS A 326 -35.96 32.95 31.69
C LYS A 326 -37.05 32.37 30.78
N ASN A 327 -36.80 31.16 30.27
CA ASN A 327 -37.72 30.43 29.39
C ASN A 327 -37.68 30.83 27.94
N ALA A 328 -36.69 31.65 27.58
CA ALA A 328 -36.57 32.02 26.19
C ALA A 328 -36.13 30.72 25.52
N THR A 329 -36.56 30.51 24.27
CA THR A 329 -36.18 29.31 23.56
C THR A 329 -36.20 29.42 22.05
N PHE A 330 -35.31 28.67 21.41
CA PHE A 330 -35.19 28.66 19.96
C PHE A 330 -34.72 27.28 19.49
N GLN A 331 -34.99 26.93 18.24
CA GLN A 331 -34.56 25.64 17.71
C GLN A 331 -33.56 25.77 16.58
N LEU A 332 -32.33 25.33 16.83
CA LEU A 332 -31.29 25.38 15.82
C LEU A 332 -31.72 24.35 14.79
N GLN A 333 -31.50 24.65 13.51
CA GLN A 333 -31.88 23.75 12.44
C GLN A 333 -30.70 23.21 11.66
N MET A 334 -30.62 21.88 11.61
CA MET A 334 -29.55 21.20 10.90
C MET A 334 -30.02 20.78 9.51
N ASP A 335 -29.18 21.04 8.52
CA ASP A 335 -29.46 20.64 7.14
C ASP A 335 -30.87 20.88 6.61
N ASN A 336 -31.30 22.13 6.68
CA ASN A 336 -32.62 22.58 6.19
C ASN A 336 -33.90 21.90 6.68
N ASP A 337 -33.81 21.10 7.74
CA ASP A 337 -35.01 20.48 8.31
C ASP A 337 -34.73 19.98 9.73
N VAL A 338 -35.51 20.46 10.70
CA VAL A 338 -35.31 20.05 12.09
C VAL A 338 -35.57 18.57 12.30
N ALA A 339 -36.14 17.91 11.31
CA ALA A 339 -36.39 16.47 11.43
C ALA A 339 -35.02 15.77 11.47
N ASN A 340 -34.02 16.45 10.90
CA ASN A 340 -32.66 15.92 10.84
C ASN A 340 -31.86 16.02 12.17
N ASN A 341 -32.36 16.82 13.10
CA ASN A 341 -31.68 17.00 14.38
C ASN A 341 -31.49 15.72 15.18
N THR A 342 -32.35 14.73 15.00
CA THR A 342 -32.20 13.49 15.76
C THR A 342 -30.98 12.67 15.29
N GLN A 343 -30.29 13.19 14.30
CA GLN A 343 -29.10 12.53 13.76
C GLN A 343 -27.84 13.04 14.48
N TYR A 344 -28.03 13.94 15.43
CA TYR A 344 -26.90 14.49 16.15
C TYR A 344 -27.06 14.38 17.64
N GLU A 345 -25.94 14.46 18.36
CA GLU A 345 -25.99 14.43 19.80
C GLU A 345 -25.83 15.91 20.14
N TRP A 346 -26.79 16.44 20.89
CA TRP A 346 -26.79 17.85 21.28
C TRP A 346 -26.27 18.10 22.68
N SER A 347 -25.46 19.15 22.83
CA SER A 347 -24.92 19.52 24.13
C SER A 347 -24.66 21.02 24.22
N SER A 348 -24.72 21.54 25.45
CA SER A 348 -24.49 22.96 25.72
C SER A 348 -23.25 23.06 26.60
N SER A 349 -22.43 24.10 26.40
CA SER A 349 -21.21 24.28 27.18
C SER A 349 -21.41 25.00 28.51
N PHE A 350 -22.63 25.46 28.77
CA PHE A 350 -22.91 26.22 29.99
C PHE A 350 -24.31 25.82 30.49
N THR A 351 -24.37 24.77 31.29
CA THR A 351 -25.65 24.27 31.81
C THR A 351 -25.80 24.43 33.33
N PRO A 352 -27.04 24.52 33.83
CA PRO A 352 -28.33 24.49 33.11
C PRO A 352 -28.76 25.82 32.47
N ASN A 353 -28.07 26.90 32.82
CA ASN A 353 -28.38 28.23 32.29
C ASN A 353 -28.81 28.16 30.81
N VAL A 354 -28.10 27.37 30.03
CA VAL A 354 -28.44 27.21 28.63
C VAL A 354 -28.60 25.71 28.40
N SER A 355 -29.84 25.27 28.19
CA SER A 355 -30.11 23.86 27.95
C SER A 355 -30.49 23.56 26.49
N VAL A 356 -30.19 22.34 26.08
CA VAL A 356 -30.52 21.87 24.74
C VAL A 356 -30.99 20.43 24.88
N ASN A 357 -32.06 20.07 24.17
CA ASN A 357 -32.59 18.72 24.24
C ASN A 357 -32.18 17.98 22.98
N ASP A 358 -32.77 16.80 22.73
CA ASP A 358 -32.42 15.99 21.57
C ASP A 358 -32.97 16.52 20.25
N GLN A 359 -33.75 17.59 20.32
CA GLN A 359 -34.35 18.19 19.14
C GLN A 359 -33.66 19.47 18.74
N GLY A 360 -32.58 19.81 19.43
CA GLY A 360 -31.87 21.03 19.11
C GLY A 360 -32.63 22.23 19.65
N GLN A 361 -33.53 21.97 20.59
CA GLN A 361 -34.31 23.01 21.21
C GLN A 361 -33.44 23.60 22.33
N VAL A 362 -33.08 24.87 22.20
CA VAL A 362 -32.25 25.56 23.18
C VAL A 362 -33.14 26.44 24.05
N THR A 363 -33.06 26.26 25.36
CA THR A 363 -33.89 27.08 26.23
C THR A 363 -33.05 27.68 27.35
N ILE A 364 -33.22 28.98 27.55
CA ILE A 364 -32.49 29.72 28.57
C ILE A 364 -33.20 29.62 29.90
N THR A 365 -32.45 29.36 30.96
CA THR A 365 -33.06 29.25 32.26
C THR A 365 -32.50 30.26 33.26
N TYR A 366 -31.23 30.63 33.06
CA TYR A 366 -30.55 31.61 33.90
C TYR A 366 -29.59 32.40 33.02
N GLN A 367 -29.13 33.54 33.53
CA GLN A 367 -28.22 34.40 32.79
C GLN A 367 -26.87 33.76 32.47
N THR A 368 -26.16 34.35 31.52
CA THR A 368 -24.82 33.87 31.12
C THR A 368 -23.84 34.96 31.53
N TYR A 369 -22.54 34.71 31.38
CA TYR A 369 -21.55 35.73 31.73
C TYR A 369 -20.40 35.74 30.74
N SER A 370 -20.52 34.92 29.70
CA SER A 370 -19.46 34.83 28.69
C SER A 370 -20.08 34.20 27.47
N GLU A 371 -19.25 33.91 26.47
CA GLU A 371 -19.74 33.27 25.26
C GLU A 371 -20.16 31.85 25.60
N VAL A 372 -21.23 31.37 24.97
CA VAL A 372 -21.73 30.04 25.23
C VAL A 372 -21.83 29.30 23.89
N ALA A 373 -21.73 27.97 23.93
CA ALA A 373 -21.81 27.19 22.70
C ALA A 373 -22.74 25.99 22.83
N VAL A 374 -23.60 25.82 21.84
CA VAL A 374 -24.52 24.69 21.77
C VAL A 374 -23.95 23.89 20.59
N THR A 375 -23.60 22.63 20.83
CA THR A 375 -23.00 21.82 19.79
C THR A 375 -23.80 20.63 19.30
N ALA A 376 -23.73 20.39 18.00
CA ALA A 376 -24.42 19.28 17.37
C ALA A 376 -23.33 18.35 16.82
N LYS A 377 -23.23 17.17 17.40
CA LYS A 377 -22.22 16.18 17.00
C LYS A 377 -22.87 15.10 16.13
N SER A 378 -22.31 14.87 14.94
CA SER A 378 -22.86 13.85 14.04
C SER A 378 -22.78 12.45 14.64
N LYS A 379 -23.91 11.75 14.68
CA LYS A 379 -23.92 10.39 15.20
C LYS A 379 -23.23 9.47 14.21
N LYS A 380 -23.39 9.75 12.92
CA LYS A 380 -22.80 8.94 11.86
C LYS A 380 -21.29 9.12 11.80
N PHE A 381 -20.84 10.36 11.83
CA PHE A 381 -19.41 10.66 11.78
C PHE A 381 -19.12 11.45 13.04
N PRO A 382 -18.85 10.74 14.15
CA PRO A 382 -18.56 11.34 15.46
C PRO A 382 -17.42 12.35 15.47
N SER A 383 -16.47 12.19 14.55
CA SER A 383 -15.35 13.12 14.48
C SER A 383 -15.80 14.50 13.98
N TYR A 384 -17.04 14.58 13.51
CA TYR A 384 -17.61 15.83 13.00
C TYR A 384 -18.71 16.39 13.90
N SER A 385 -18.65 17.70 14.11
CA SER A 385 -19.62 18.40 14.91
C SER A 385 -19.64 19.87 14.52
N VAL A 386 -20.78 20.51 14.72
CA VAL A 386 -20.98 21.91 14.40
C VAL A 386 -21.46 22.63 15.65
N SER A 387 -21.00 23.84 15.90
CA SER A 387 -21.43 24.55 17.09
C SER A 387 -22.00 25.94 16.82
N TYR A 388 -23.02 26.31 17.59
CA TYR A 388 -23.58 27.65 17.45
C TYR A 388 -23.14 28.45 18.67
N ARG A 389 -22.38 29.50 18.42
CA ARG A 389 -21.86 30.34 19.49
C ARG A 389 -22.60 31.65 19.63
N PHE A 390 -22.80 32.08 20.88
CA PHE A 390 -23.46 33.33 21.15
C PHE A 390 -23.03 33.87 22.49
N TYR A 391 -23.15 35.18 22.66
CA TYR A 391 -22.71 35.84 23.87
C TYR A 391 -23.70 36.95 24.24
N PRO A 392 -24.77 36.60 24.95
CA PRO A 392 -25.78 37.58 25.35
C PRO A 392 -25.19 38.72 26.18
N ASN A 393 -25.77 39.92 26.06
CA ASN A 393 -25.30 41.07 26.84
C ASN A 393 -26.44 41.71 27.66
N ARG A 394 -27.63 41.12 27.58
CA ARG A 394 -28.77 41.63 28.33
C ARG A 394 -29.62 40.51 28.87
N TRP A 395 -29.92 40.56 30.16
CA TRP A 395 -30.77 39.56 30.78
C TRP A 395 -32.06 40.25 31.22
N ILE A 396 -33.15 39.99 30.51
CA ILE A 396 -34.44 40.60 30.80
C ILE A 396 -35.22 39.82 31.86
N TYR A 397 -36.03 40.55 32.63
CA TYR A 397 -36.85 39.97 33.69
C TYR A 397 -37.85 41.02 34.20
N ASP A 398 -38.90 40.58 34.86
CA ASP A 398 -39.92 41.49 35.36
C ASP A 398 -39.66 42.02 36.76
N GLY A 399 -40.25 43.19 37.04
CA GLY A 399 -40.11 43.80 38.34
C GLY A 399 -41.49 43.96 38.95
N GLY A 400 -42.31 42.92 38.78
CA GLY A 400 -43.66 42.95 39.30
C GLY A 400 -44.64 42.74 38.17
N ARG A 401 -45.79 42.15 38.49
CA ARG A 401 -46.81 41.90 37.47
C ARG A 401 -47.90 42.99 37.50
N SER A 402 -47.92 43.78 38.56
CA SER A 402 -48.90 44.85 38.69
C SER A 402 -48.51 46.08 37.90
N LEU A 403 -49.50 46.80 37.40
CA LEU A 403 -49.27 48.02 36.62
C LEU A 403 -48.80 49.13 37.56
N VAL A 404 -47.64 49.72 37.26
CA VAL A 404 -47.07 50.77 38.11
C VAL A 404 -46.65 52.03 37.38
N SER A 405 -46.27 53.04 38.15
CA SER A 405 -45.83 54.31 37.58
C SER A 405 -44.44 54.12 37.03
N SER A 406 -43.98 55.08 36.25
CA SER A 406 -42.64 55.01 35.66
C SER A 406 -41.58 55.12 36.76
N LEU A 407 -41.84 55.95 37.78
CA LEU A 407 -40.88 56.12 38.89
C LEU A 407 -40.75 54.77 39.60
N GLU A 408 -41.89 54.12 39.79
CA GLU A 408 -41.94 52.82 40.44
C GLU A 408 -41.11 51.81 39.63
N ALA A 409 -41.39 51.74 38.34
CA ALA A 409 -40.66 50.84 37.46
C ALA A 409 -39.18 51.10 37.61
N SER A 410 -38.80 52.38 37.51
CA SER A 410 -37.40 52.79 37.62
C SER A 410 -36.68 52.21 38.85
N ARG A 411 -37.31 52.35 40.00
CA ARG A 411 -36.71 51.84 41.21
C ARG A 411 -36.68 50.30 41.18
N GLN A 412 -37.80 49.70 40.84
CA GLN A 412 -37.92 48.25 40.80
C GLN A 412 -36.94 47.50 39.88
N CYS A 413 -36.45 48.18 38.85
CA CYS A 413 -35.53 47.53 37.94
C CYS A 413 -34.09 47.85 38.28
N GLN A 414 -33.89 48.62 39.34
CA GLN A 414 -32.54 48.97 39.74
C GLN A 414 -32.08 48.24 41.00
N GLY A 415 -32.18 46.91 40.94
CA GLY A 415 -31.79 46.06 42.04
C GLY A 415 -30.30 45.74 42.05
N SER A 416 -29.62 46.02 40.93
CA SER A 416 -28.18 45.79 40.82
C SER A 416 -27.56 47.01 40.16
N ASP A 417 -26.24 47.16 40.29
CA ASP A 417 -25.55 48.30 39.68
C ASP A 417 -25.70 48.25 38.17
N MET A 418 -25.90 47.04 37.66
CA MET A 418 -26.02 46.80 36.22
C MET A 418 -27.47 46.59 35.81
N SER A 419 -28.38 46.97 36.69
CA SER A 419 -29.80 46.83 36.44
C SER A 419 -30.38 48.20 36.11
N ALA A 420 -31.46 48.19 35.34
CA ALA A 420 -32.15 49.41 34.94
C ALA A 420 -33.31 48.99 34.04
N VAL A 421 -34.23 49.93 33.78
CA VAL A 421 -35.35 49.65 32.89
C VAL A 421 -34.72 49.51 31.50
N LEU A 422 -35.09 48.47 30.77
CA LEU A 422 -34.51 48.22 29.45
C LEU A 422 -34.50 49.46 28.56
N GLU A 423 -33.33 49.77 27.99
CA GLU A 423 -33.21 50.92 27.09
C GLU A 423 -34.11 50.65 25.89
N SER A 424 -34.82 51.69 25.45
CA SER A 424 -35.71 51.52 24.30
C SER A 424 -34.89 51.10 23.07
N SER A 425 -33.71 51.67 22.90
CA SER A 425 -32.89 51.30 21.75
C SER A 425 -32.61 49.80 21.67
N ARG A 426 -32.82 49.09 22.78
CA ARG A 426 -32.60 47.65 22.82
C ARG A 426 -33.89 46.86 23.00
N ALA A 427 -35.00 47.57 23.16
CA ALA A 427 -36.29 46.92 23.36
C ALA A 427 -36.92 46.44 22.06
N THR A 428 -36.86 47.28 21.03
CA THR A 428 -37.44 46.93 19.75
C THR A 428 -37.02 47.94 18.68
N ASN A 429 -37.36 47.65 17.43
CA ASN A 429 -37.04 48.52 16.32
C ASN A 429 -38.25 48.57 15.41
N GLY A 430 -39.31 47.88 15.82
CA GLY A 430 -40.53 47.86 15.04
C GLY A 430 -40.89 46.51 14.47
N THR A 431 -39.92 45.85 13.83
CA THR A 431 -40.19 44.55 13.23
C THR A 431 -39.33 43.43 13.80
N ARG A 432 -39.64 42.20 13.41
CA ARG A 432 -38.88 41.06 13.92
C ARG A 432 -37.60 40.84 13.13
N ALA A 433 -36.48 40.69 13.84
CA ALA A 433 -35.19 40.48 13.19
C ALA A 433 -34.04 40.31 14.19
N PRO A 434 -32.94 39.69 13.73
CA PRO A 434 -31.78 39.50 14.61
C PRO A 434 -30.99 40.80 14.69
N ASP A 435 -31.65 41.84 15.18
CA ASP A 435 -31.07 43.17 15.33
C ASP A 435 -30.60 43.45 16.77
N GLY A 436 -30.45 42.38 17.54
CA GLY A 436 -30.00 42.53 18.92
C GLY A 436 -30.98 43.13 19.91
N THR A 437 -32.24 43.32 19.53
CA THR A 437 -33.23 43.89 20.45
C THR A 437 -34.13 42.80 21.01
N LEU A 438 -34.74 43.08 22.16
CA LEU A 438 -35.61 42.10 22.79
C LEU A 438 -36.76 41.64 21.90
N TRP A 439 -37.64 42.57 21.52
CA TRP A 439 -38.78 42.21 20.69
C TRP A 439 -38.36 41.78 19.30
N GLY A 440 -37.30 42.41 18.78
CA GLY A 440 -36.83 42.05 17.44
C GLY A 440 -36.37 40.60 17.34
N GLU A 441 -35.70 40.13 18.39
CA GLU A 441 -35.20 38.76 18.42
C GLU A 441 -36.21 37.71 18.85
N TRP A 442 -37.00 38.03 19.87
CA TRP A 442 -37.96 37.07 20.42
C TRP A 442 -39.44 37.29 20.15
N GLY A 443 -39.80 38.52 19.78
CA GLY A 443 -41.20 38.80 19.56
C GLY A 443 -41.84 38.94 20.94
N SER A 444 -43.16 38.86 21.02
CA SER A 444 -43.87 39.00 22.29
C SER A 444 -43.43 37.96 23.34
N LEU A 445 -43.01 38.44 24.50
CA LEU A 445 -42.57 37.55 25.57
C LEU A 445 -43.70 36.64 26.04
N THR A 446 -44.94 37.06 25.80
CA THR A 446 -46.12 36.31 26.21
C THR A 446 -46.12 34.90 25.59
N ALA A 447 -45.31 34.72 24.56
CA ALA A 447 -45.25 33.44 23.88
C ALA A 447 -44.30 32.44 24.54
N TYR A 448 -43.61 32.86 25.60
CA TYR A 448 -42.65 31.97 26.27
C TYR A 448 -43.07 31.48 27.64
N SER A 449 -43.76 32.33 28.39
CA SER A 449 -44.18 31.95 29.73
C SER A 449 -45.38 32.77 30.23
N SER A 450 -45.87 32.42 31.40
CA SER A 450 -47.02 33.10 31.99
C SER A 450 -46.60 34.19 32.97
N ASP A 451 -45.43 34.79 32.74
CA ASP A 451 -44.93 35.86 33.61
C ASP A 451 -45.07 37.20 32.88
N TRP A 452 -45.38 37.11 31.59
CA TRP A 452 -45.53 38.30 30.77
C TRP A 452 -46.90 38.37 30.14
N GLN A 453 -47.60 39.49 30.36
CA GLN A 453 -48.93 39.69 29.80
C GLN A 453 -48.93 40.72 28.69
N SER A 454 -49.97 40.69 27.87
CA SER A 454 -50.09 41.65 26.77
C SER A 454 -50.29 43.02 27.43
N GLY A 455 -49.79 44.07 26.80
CA GLY A 455 -49.96 45.37 27.38
C GLY A 455 -48.76 46.27 27.20
N GLU A 456 -48.80 47.43 27.86
CA GLU A 456 -47.72 48.40 27.77
C GLU A 456 -46.66 48.10 28.80
N TYR A 457 -45.41 48.18 28.38
CA TYR A 457 -44.28 47.93 29.26
C TYR A 457 -43.41 49.16 29.19
N TRP A 458 -42.88 49.57 30.34
CA TRP A 458 -42.01 50.75 30.41
C TRP A 458 -40.64 50.45 29.81
N VAL A 459 -40.15 51.35 28.97
CA VAL A 459 -38.81 51.19 28.39
C VAL A 459 -38.11 52.50 28.68
N LYS A 460 -36.80 52.57 28.50
CA LYS A 460 -36.08 53.80 28.82
C LYS A 460 -35.38 54.52 27.66
N LYS A 461 -35.57 55.84 27.60
CA LYS A 461 -34.96 56.68 26.58
C LYS A 461 -33.73 57.33 27.23
N THR A 462 -33.94 57.95 28.38
CA THR A 462 -32.88 58.59 29.18
C THR A 462 -33.25 58.29 30.63
N SER A 463 -32.43 58.80 31.56
CA SER A 463 -32.66 58.56 32.98
C SER A 463 -33.99 59.12 33.50
N THR A 464 -34.47 60.18 32.87
CA THR A 464 -35.72 60.82 33.28
C THR A 464 -36.82 60.65 32.25
N ASP A 465 -36.45 60.33 31.02
CA ASP A 465 -37.43 60.17 29.96
C ASP A 465 -37.79 58.72 29.65
N PHE A 466 -38.94 58.28 30.13
CA PHE A 466 -39.39 56.92 29.88
C PHE A 466 -40.42 56.89 28.76
N GLU A 467 -40.36 55.82 27.98
CA GLU A 467 -41.27 55.60 26.88
C GLU A 467 -42.02 54.35 27.27
N THR A 468 -42.80 53.82 26.35
CA THR A 468 -43.53 52.60 26.62
C THR A 468 -43.51 51.72 25.36
N MET A 469 -43.65 50.40 25.53
CA MET A 469 -43.64 49.48 24.40
C MET A 469 -44.81 48.48 24.46
N ASN A 470 -45.48 48.28 23.34
CA ASN A 470 -46.56 47.31 23.31
C ASN A 470 -45.91 45.94 23.14
N MET A 471 -46.20 45.02 24.05
CA MET A 471 -45.59 43.70 24.02
C MET A 471 -45.97 42.85 22.81
N ASP A 472 -47.21 42.97 22.33
CA ASP A 472 -47.66 42.18 21.21
C ASP A 472 -47.37 42.77 19.82
N THR A 473 -47.22 44.09 19.75
CA THR A 473 -46.95 44.74 18.46
C THR A 473 -45.50 45.12 18.31
N GLY A 474 -44.75 45.05 19.41
CA GLY A 474 -43.35 45.43 19.37
C GLY A 474 -43.22 46.89 18.98
N ALA A 475 -44.33 47.63 19.10
CA ALA A 475 -44.35 49.04 18.75
C ALA A 475 -43.98 49.97 19.91
N LEU A 476 -43.16 50.97 19.61
CA LEU A 476 -42.71 51.93 20.60
C LEU A 476 -43.59 53.16 20.48
N GLN A 477 -43.89 53.82 21.60
CA GLN A 477 -44.73 55.01 21.58
C GLN A 477 -44.47 55.98 22.73
N PRO A 478 -43.94 57.17 22.42
CA PRO A 478 -43.64 58.20 23.41
C PRO A 478 -44.81 59.17 23.60
N GLY A 479 -45.30 59.30 24.83
CA GLY A 479 -46.40 60.22 25.06
C GLY A 479 -47.10 60.06 26.40
N PRO A 480 -48.23 59.33 26.41
CA PRO A 480 -49.02 59.09 27.63
C PRO A 480 -48.37 58.17 28.67
N ALA A 481 -47.81 58.78 29.72
CA ALA A 481 -47.19 58.01 30.78
C ALA A 481 -48.19 57.75 31.90
N TYR A 482 -49.04 56.75 31.73
CA TYR A 482 -50.01 56.43 32.76
C TYR A 482 -49.37 55.42 33.69
N LEU A 483 -49.80 54.18 33.52
CA LEU A 483 -49.29 53.07 34.29
C LEU A 483 -48.76 52.09 33.25
N ALA A 484 -47.88 51.19 33.67
CA ALA A 484 -47.33 50.21 32.75
C ALA A 484 -46.56 49.14 33.51
N PHE A 485 -46.28 48.04 32.82
CA PHE A 485 -45.54 46.94 33.43
C PHE A 485 -44.07 47.28 33.48
N PRO A 486 -43.39 46.87 34.58
CA PRO A 486 -41.96 47.15 34.69
C PRO A 486 -41.14 46.15 33.86
N LEU A 487 -40.37 46.65 32.92
CA LEU A 487 -39.54 45.78 32.09
C LEU A 487 -38.07 46.01 32.49
N CYS A 488 -37.52 45.06 33.23
CA CYS A 488 -36.14 45.15 33.71
C CYS A 488 -35.14 44.41 32.84
N ALA A 489 -33.94 44.95 32.82
CA ALA A 489 -32.87 44.34 32.05
C ALA A 489 -31.55 44.49 32.80
N LEU A 490 -30.84 43.38 32.94
CA LEU A 490 -29.55 43.37 33.62
C LEU A 490 -28.47 43.18 32.54
N SER A 491 -27.56 44.13 32.45
CA SER A 491 -26.51 44.02 31.46
C SER A 491 -25.55 42.94 31.97
N ILE A 492 -25.15 42.06 31.07
CA ILE A 492 -24.28 40.94 31.43
C ILE A 492 -23.14 40.63 30.46
#